data_4QQ7
#
_entry.id   4QQ7
#
_cell.length_a   58.700
_cell.length_b   95.200
_cell.length_c   110.700
_cell.angle_alpha   90.00
_cell.angle_beta   90.00
_cell.angle_gamma   90.00
#
_symmetry.space_group_name_H-M   'P 21 21 21'
#
loop_
_entity.id
_entity.type
_entity.pdbx_description
1 polymer 'Putative stringent starvation protein A'
2 non-polymer GLUTATHIONE
3 non-polymer D-glucose
4 water water
#
_entity_poly.entity_id   1
_entity_poly.type   'polypeptide(L)'
_entity_poly.pdbx_seq_one_letter_code
;GPGSMMVLYSGTTCPFSQRCRLVLFEKGMDFEIRDVDLFNKPEDISVMNPYGQVPILVERDLILYESNIINEYIDERFPH
PQLMPADPVQRARARLFLLNFEKELFVHVSTLENEKGKAAEKNHEKARLAIRDRLTQLAPIFVKNKYMLGEEFSMLDVAI
APLLWRLDHYGIELSKNAAPLMKYAERIFSRPAYIEALTPSEKVMRR
;
_entity_poly.pdbx_strand_id   A,B
#
loop_
_chem_comp.id
_chem_comp.type
_chem_comp.name
_chem_comp.formula
GLO D-saccharide D-glucose 'C6 H12 O6'
GSH non-polymer GLUTATHIONE 'C10 H17 N3 O6 S'
#
# COMPACT_ATOMS: atom_id res chain seq x y z
N SER A 4 11.77 -22.60 3.92
CA SER A 4 11.91 -21.62 2.84
C SER A 4 12.30 -22.28 1.51
N MET A 5 11.56 -21.94 0.46
CA MET A 5 11.87 -22.32 -0.91
C MET A 5 11.71 -21.08 -1.80
N MET A 6 12.07 -19.92 -1.24
CA MET A 6 11.79 -18.64 -1.85
C MET A 6 12.62 -18.35 -3.09
N VAL A 7 11.96 -17.88 -4.13
CA VAL A 7 12.68 -17.44 -5.29
C VAL A 7 12.31 -15.98 -5.57
N LEU A 8 13.33 -15.13 -5.68
CA LEU A 8 13.10 -13.72 -5.94
C LEU A 8 13.53 -13.38 -7.36
N TYR A 9 12.58 -12.97 -8.20
CA TYR A 9 12.91 -12.42 -9.50
C TYR A 9 13.26 -10.97 -9.29
N SER A 10 14.51 -10.64 -9.61
CA SER A 10 15.09 -9.36 -9.22
C SER A 10 15.69 -8.63 -10.41
N GLY A 11 15.36 -7.36 -10.53
CA GLY A 11 16.01 -6.51 -11.51
C GLY A 11 17.37 -6.07 -11.00
N THR A 12 18.39 -6.27 -11.83
CA THR A 12 19.79 -6.02 -11.51
C THR A 12 20.08 -4.61 -10.98
N THR A 13 19.37 -3.62 -11.51
CA THR A 13 19.52 -2.26 -11.03
C THR A 13 18.18 -1.70 -10.58
N CYS A 14 17.22 -2.59 -10.34
CA CYS A 14 15.89 -2.18 -9.92
C CYS A 14 15.86 -1.80 -8.45
N PRO A 15 15.52 -0.54 -8.13
CA PRO A 15 15.58 -0.15 -6.71
C PRO A 15 14.52 -0.87 -5.89
N PHE A 16 13.42 -1.21 -6.52
CA PHE A 16 12.40 -1.95 -5.80
C PHE A 16 12.86 -3.37 -5.47
N SER A 17 13.53 -3.99 -6.42
CA SER A 17 14.08 -5.33 -6.23
C SER A 17 15.12 -5.32 -5.12
N GLN A 18 15.86 -4.22 -5.03
CA GLN A 18 16.92 -4.11 -4.02
C GLN A 18 16.36 -4.15 -2.60
N ARG A 19 15.19 -3.55 -2.40
CA ARG A 19 14.51 -3.63 -1.10
C ARG A 19 14.40 -5.10 -0.69
N CYS A 20 13.93 -5.93 -1.62
CA CYS A 20 13.72 -7.36 -1.34
C CYS A 20 15.02 -8.10 -1.16
N ARG A 21 16.03 -7.81 -1.98
CA ARG A 21 17.33 -8.43 -1.79
C ARG A 21 17.88 -8.10 -0.41
N LEU A 22 17.69 -6.85 -0.02
CA LEU A 22 18.22 -6.36 1.25
C LEU A 22 17.54 -7.11 2.41
N VAL A 23 16.21 -7.23 2.35
CA VAL A 23 15.47 -7.95 3.39
C VAL A 23 15.97 -9.38 3.47
N LEU A 24 16.14 -10.02 2.32
CA LEU A 24 16.59 -11.40 2.33
C LEU A 24 17.98 -11.59 2.97
N PHE A 25 18.90 -10.67 2.71
CA PHE A 25 20.23 -10.81 3.31
C PHE A 25 20.21 -10.44 4.81
N GLU A 26 19.36 -9.50 5.18
CA GLU A 26 19.22 -9.14 6.58
C GLU A 26 18.75 -10.34 7.42
N LYS A 27 17.88 -11.16 6.85
CA LYS A 27 17.29 -12.26 7.62
C LYS A 27 18.08 -13.56 7.54
N GLY A 28 19.10 -13.63 6.69
CA GLY A 28 20.01 -14.76 6.65
C GLY A 28 19.40 -16.10 6.28
N MET A 29 18.27 -16.06 5.60
CA MET A 29 17.57 -17.28 5.21
C MET A 29 18.10 -17.87 3.92
N ASP A 30 17.63 -19.07 3.58
CA ASP A 30 17.88 -19.67 2.27
C ASP A 30 16.98 -19.04 1.21
N PHE A 31 17.55 -18.73 0.06
CA PHE A 31 16.75 -18.15 -1.01
C PHE A 31 17.48 -18.21 -2.33
N GLU A 32 16.74 -18.02 -3.41
CA GLU A 32 17.35 -17.99 -4.72
C GLU A 32 16.98 -16.67 -5.35
N ILE A 33 17.97 -16.00 -5.93
CA ILE A 33 17.75 -14.80 -6.69
C ILE A 33 17.80 -15.14 -8.15
N ARG A 34 16.76 -14.77 -8.90
CA ARG A 34 16.85 -14.93 -10.34
C ARG A 34 16.98 -13.55 -10.95
N ASP A 35 18.17 -13.31 -11.50
CA ASP A 35 18.53 -12.01 -12.03
C ASP A 35 17.74 -11.76 -13.30
N VAL A 36 17.08 -10.61 -13.38
CA VAL A 36 16.26 -10.30 -14.56
C VAL A 36 16.80 -9.11 -15.34
N ASP A 37 16.97 -9.30 -16.64
CA ASP A 37 17.46 -8.26 -17.52
C ASP A 37 16.27 -7.54 -18.12
N LEU A 38 16.00 -6.35 -17.61
CA LEU A 38 14.85 -5.55 -18.00
C LEU A 38 15.00 -4.88 -19.38
N PHE A 39 16.16 -5.03 -20.00
CA PHE A 39 16.36 -4.60 -21.38
C PHE A 39 15.83 -5.65 -22.34
N ASN A 40 15.78 -6.89 -21.86
CA ASN A 40 15.24 -7.99 -22.64
C ASN A 40 14.36 -8.84 -21.73
N LYS A 41 13.29 -8.23 -21.21
CA LYS A 41 12.43 -8.84 -20.20
C LYS A 41 11.75 -10.12 -20.69
N PRO A 42 11.95 -11.24 -19.96
CA PRO A 42 11.32 -12.49 -20.38
C PRO A 42 9.79 -12.44 -20.27
N GLU A 43 9.12 -13.24 -21.10
CA GLU A 43 7.66 -13.21 -21.17
C GLU A 43 7.02 -13.62 -19.84
N ASP A 44 7.65 -14.55 -19.13
CA ASP A 44 7.04 -15.12 -17.93
C ASP A 44 6.93 -14.09 -16.80
N ILE A 45 7.72 -13.03 -16.86
CA ILE A 45 7.63 -11.97 -15.86
C ILE A 45 6.23 -11.39 -15.91
N SER A 46 5.70 -11.20 -17.12
CA SER A 46 4.36 -10.67 -17.29
C SER A 46 3.27 -11.72 -17.03
N VAL A 47 3.64 -12.99 -17.09
CA VAL A 47 2.75 -14.06 -16.67
C VAL A 47 2.57 -14.07 -15.14
N MET A 48 3.69 -14.02 -14.41
CA MET A 48 3.64 -14.04 -12.95
C MET A 48 3.04 -12.78 -12.37
N ASN A 49 3.38 -11.65 -12.99
CA ASN A 49 2.91 -10.33 -12.57
C ASN A 49 2.32 -9.62 -13.79
N PRO A 50 1.00 -9.46 -13.80
CA PRO A 50 0.30 -8.87 -14.95
C PRO A 50 0.72 -7.41 -15.19
N TYR A 51 1.33 -6.76 -14.21
CA TYR A 51 1.87 -5.41 -14.42
C TYR A 51 3.24 -5.47 -15.09
N GLY A 52 3.74 -6.69 -15.30
CA GLY A 52 5.00 -6.94 -15.97
C GLY A 52 6.22 -6.38 -15.25
N GLN A 53 6.15 -6.31 -13.92
CA GLN A 53 7.24 -5.72 -13.18
C GLN A 53 7.93 -6.70 -12.26
N VAL A 54 9.17 -6.35 -11.97
CA VAL A 54 9.98 -7.01 -10.99
C VAL A 54 10.02 -6.01 -9.83
N PRO A 55 10.20 -6.45 -8.56
CA PRO A 55 10.41 -7.82 -8.06
C PRO A 55 9.17 -8.69 -8.05
N ILE A 56 9.39 -10.00 -8.15
CA ILE A 56 8.35 -11.01 -7.95
C ILE A 56 8.92 -12.04 -7.00
N LEU A 57 8.16 -12.43 -5.98
CA LEU A 57 8.58 -13.52 -5.10
C LEU A 57 7.71 -14.72 -5.40
N VAL A 58 8.34 -15.87 -5.60
CA VAL A 58 7.62 -17.13 -5.78
C VAL A 58 8.05 -18.08 -4.67
N GLU A 59 7.08 -18.61 -3.95
CA GLU A 59 7.37 -19.64 -2.95
C GLU A 59 6.27 -20.70 -3.01
N ARG A 60 6.63 -21.88 -3.49
CA ARG A 60 5.66 -22.93 -3.81
C ARG A 60 4.53 -22.40 -4.70
N ASP A 61 3.31 -22.40 -4.20
CA ASP A 61 2.17 -21.97 -5.01
C ASP A 61 1.93 -20.46 -4.92
N LEU A 62 2.70 -19.80 -4.07
CA LEU A 62 2.54 -18.37 -3.87
C LEU A 62 3.32 -17.52 -4.88
N ILE A 63 2.63 -16.57 -5.49
CA ILE A 63 3.26 -15.56 -6.34
CA ILE A 63 3.29 -15.57 -6.31
C ILE A 63 2.96 -14.17 -5.80
N LEU A 64 3.97 -13.45 -5.32
CA LEU A 64 3.78 -12.09 -4.86
C LEU A 64 4.55 -11.12 -5.73
N TYR A 65 3.96 -9.95 -5.97
CA TYR A 65 4.74 -8.83 -6.48
C TYR A 65 4.40 -7.62 -5.61
N GLU A 66 5.00 -6.47 -5.95
CA GLU A 66 5.02 -5.25 -5.13
CA GLU A 66 5.03 -5.24 -5.13
C GLU A 66 6.00 -5.43 -3.97
N SER A 67 7.13 -4.74 -4.04
CA SER A 67 8.23 -4.95 -3.09
C SER A 67 7.81 -4.92 -1.61
N ASN A 68 6.99 -3.95 -1.20
CA ASN A 68 6.58 -3.85 0.18
C ASN A 68 5.66 -5.01 0.63
N ILE A 69 4.83 -5.52 -0.28
CA ILE A 69 4.03 -6.70 0.03
C ILE A 69 4.94 -7.91 0.22
N ILE A 70 5.82 -8.12 -0.73
CA ILE A 70 6.84 -9.17 -0.63
C ILE A 70 7.58 -9.08 0.72
N ASN A 71 8.04 -7.89 1.06
CA ASN A 71 8.84 -7.75 2.29
C ASN A 71 8.05 -7.94 3.57
N GLU A 72 6.80 -7.50 3.59
CA GLU A 72 5.98 -7.72 4.77
C GLU A 72 5.73 -9.23 4.96
N TYR A 73 5.53 -9.93 3.84
CA TYR A 73 5.37 -11.38 3.86
C TYR A 73 6.64 -12.08 4.41
N ILE A 74 7.79 -11.67 3.91
CA ILE A 74 9.05 -12.27 4.36
C ILE A 74 9.25 -11.99 5.84
N ASP A 75 8.97 -10.74 6.24
CA ASP A 75 9.17 -10.34 7.62
C ASP A 75 8.29 -11.16 8.58
N GLU A 76 7.10 -11.54 8.12
CA GLU A 76 6.22 -12.34 8.96
C GLU A 76 6.65 -13.80 8.97
N ARG A 77 7.08 -14.30 7.83
CA ARG A 77 7.56 -15.66 7.68
C ARG A 77 8.83 -15.88 8.53
N PHE A 78 9.72 -14.88 8.52
CA PHE A 78 10.99 -14.95 9.23
C PHE A 78 11.26 -13.65 9.98
N PRO A 79 10.73 -13.55 11.21
CA PRO A 79 10.68 -12.32 12.03
C PRO A 79 12.02 -11.97 12.72
N HIS A 80 13.14 -12.44 12.19
CA HIS A 80 14.43 -12.15 12.78
C HIS A 80 15.39 -11.59 11.76
N PRO A 81 15.76 -10.32 11.91
CA PRO A 81 15.21 -9.40 12.92
C PRO A 81 13.85 -8.90 12.45
N GLN A 82 13.06 -8.38 13.38
CA GLN A 82 11.73 -7.87 13.12
C GLN A 82 11.84 -6.51 12.44
N LEU A 83 11.40 -6.40 11.19
CA LEU A 83 11.53 -5.15 10.44
C LEU A 83 10.30 -4.25 10.57
N MET A 84 9.14 -4.87 10.78
CA MET A 84 7.92 -4.14 11.12
C MET A 84 7.71 -4.25 12.61
N PRO A 85 7.56 -3.13 13.33
CA PRO A 85 7.32 -3.13 14.78
C PRO A 85 6.28 -4.16 15.24
N ALA A 86 6.51 -4.76 16.40
CA ALA A 86 5.61 -5.78 16.96
C ALA A 86 4.32 -5.17 17.50
N ASP A 87 4.47 -4.05 18.21
CA ASP A 87 3.37 -3.28 18.75
C ASP A 87 2.38 -2.82 17.68
N PRO A 88 1.07 -3.04 17.89
CA PRO A 88 0.10 -2.64 16.86
C PRO A 88 0.11 -1.15 16.55
N VAL A 89 0.26 -0.29 17.55
CA VAL A 89 0.31 1.16 17.31
C VAL A 89 1.55 1.54 16.47
N GLN A 90 2.71 1.00 16.86
CA GLN A 90 3.94 1.32 16.14
C GLN A 90 3.89 0.75 14.72
N ARG A 91 3.34 -0.46 14.57
CA ARG A 91 3.24 -1.10 13.27
C ARG A 91 2.37 -0.25 12.34
N ALA A 92 1.28 0.26 12.89
CA ALA A 92 0.36 1.11 12.13
C ALA A 92 1.06 2.39 11.66
N ARG A 93 1.77 3.04 12.57
CA ARG A 93 2.51 4.26 12.24
C ARG A 93 3.48 3.96 11.10
N ALA A 94 4.18 2.83 11.24
CA ALA A 94 5.21 2.45 10.30
C ALA A 94 4.60 2.18 8.93
N ARG A 95 3.44 1.52 8.92
CA ARG A 95 2.76 1.23 7.67
C ARG A 95 2.35 2.52 6.96
N LEU A 96 1.89 3.48 7.75
CA LEU A 96 1.48 4.76 7.19
C LEU A 96 2.70 5.49 6.61
N PHE A 97 3.83 5.42 7.31
CA PHE A 97 5.08 6.01 6.81
C PHE A 97 5.48 5.36 5.49
N LEU A 98 5.40 4.04 5.42
CA LEU A 98 5.74 3.32 4.20
C LEU A 98 4.88 3.80 3.04
N LEU A 99 3.58 3.90 3.28
CA LEU A 99 2.64 4.33 2.26
C LEU A 99 2.96 5.76 1.80
N ASN A 100 3.24 6.63 2.76
CA ASN A 100 3.60 8.00 2.42
C ASN A 100 4.92 8.03 1.60
N PHE A 101 5.88 7.15 1.89
CA PHE A 101 7.07 7.05 1.02
C PHE A 101 6.71 6.73 -0.44
N GLU A 102 5.79 5.80 -0.63
CA GLU A 102 5.45 5.37 -1.97
C GLU A 102 4.82 6.54 -2.71
N LYS A 103 3.95 7.28 -2.01
CA LYS A 103 3.28 8.43 -2.61
C LYS A 103 4.21 9.61 -2.81
N GLU A 104 5.09 9.90 -1.84
CA GLU A 104 5.84 11.16 -1.85
C GLU A 104 7.20 11.06 -2.55
N LEU A 105 7.73 9.84 -2.62
CA LEU A 105 9.09 9.61 -3.12
C LEU A 105 9.09 8.64 -4.29
N PHE A 106 8.47 7.47 -4.11
CA PHE A 106 8.73 6.39 -5.06
C PHE A 106 7.84 6.39 -6.30
N VAL A 107 6.76 7.17 -6.30
CA VAL A 107 6.08 7.43 -7.57
C VAL A 107 7.07 8.12 -8.50
N HIS A 108 7.96 8.94 -7.94
CA HIS A 108 8.96 9.67 -8.72
C HIS A 108 10.12 8.80 -9.14
N VAL A 109 10.48 7.84 -8.29
CA VAL A 109 11.45 6.83 -8.67
C VAL A 109 10.88 6.04 -9.87
N SER A 110 9.60 5.69 -9.80
CA SER A 110 8.96 4.93 -10.89
C SER A 110 9.02 5.71 -12.18
N THR A 111 8.80 7.01 -12.07
CA THR A 111 8.91 7.88 -13.21
C THR A 111 10.32 7.81 -13.76
N LEU A 112 11.29 7.93 -12.86
CA LEU A 112 12.68 7.88 -13.28
C LEU A 112 13.09 6.55 -13.88
N GLU A 113 12.52 5.46 -13.39
CA GLU A 113 12.94 4.15 -13.82
C GLU A 113 12.22 3.66 -15.07
N ASN A 114 10.93 3.95 -15.16
CA ASN A 114 10.06 3.29 -16.13
C ASN A 114 9.76 4.12 -17.37
N GLU A 115 9.68 5.45 -17.22
CA GLU A 115 9.45 6.31 -18.38
C GLU A 115 10.75 6.57 -19.10
N LYS A 116 10.74 6.39 -20.41
CA LYS A 116 11.95 6.52 -21.21
C LYS A 116 11.73 7.45 -22.40
N GLY A 117 12.81 7.76 -23.12
CA GLY A 117 12.73 8.62 -24.29
C GLY A 117 12.85 10.10 -23.97
N LYS A 118 12.94 10.92 -25.02
CA LYS A 118 13.06 12.37 -24.87
C LYS A 118 11.79 12.95 -24.27
N ALA A 119 10.67 12.26 -24.48
CA ALA A 119 9.38 12.67 -23.92
C ALA A 119 9.37 12.63 -22.39
N ALA A 120 10.15 11.72 -21.81
CA ALA A 120 10.13 11.52 -20.37
C ALA A 120 10.96 12.57 -19.63
N GLU A 121 11.78 13.32 -20.35
CA GLU A 121 12.77 14.19 -19.72
C GLU A 121 12.14 15.32 -18.90
N LYS A 122 10.98 15.82 -19.32
CA LYS A 122 10.34 16.84 -18.51
C LYS A 122 9.80 16.19 -17.24
N ASN A 123 9.31 14.96 -17.39
CA ASN A 123 8.76 14.26 -16.25
C ASN A 123 9.87 13.89 -15.28
N HIS A 124 11.04 13.58 -15.83
CA HIS A 124 12.20 13.19 -15.03
C HIS A 124 12.67 14.36 -14.18
N GLU A 125 12.69 15.54 -14.78
CA GLU A 125 13.15 16.72 -14.07
C GLU A 125 12.20 17.01 -12.92
N LYS A 126 10.89 16.92 -13.18
CA LYS A 126 9.93 17.10 -12.08
C LYS A 126 10.15 16.02 -11.01
N ALA A 127 10.40 14.79 -11.42
CA ALA A 127 10.61 13.69 -10.45
C ALA A 127 11.81 13.99 -9.56
N ARG A 128 12.89 14.46 -10.17
CA ARG A 128 14.09 14.83 -9.43
C ARG A 128 13.84 15.95 -8.41
N LEU A 129 13.15 16.99 -8.85
CA LEU A 129 12.90 18.11 -7.96
C LEU A 129 12.04 17.69 -6.79
N ALA A 130 10.99 16.92 -7.07
CA ALA A 130 10.10 16.47 -6.00
C ALA A 130 10.88 15.62 -4.99
N ILE A 131 11.73 14.72 -5.48
CA ILE A 131 12.52 13.88 -4.58
C ILE A 131 13.46 14.72 -3.75
N ARG A 132 14.15 15.66 -4.39
CA ARG A 132 15.02 16.57 -3.67
C ARG A 132 14.30 17.30 -2.54
N ASP A 133 13.18 17.93 -2.87
CA ASP A 133 12.47 18.73 -1.89
C ASP A 133 12.03 17.87 -0.72
N ARG A 134 11.50 16.69 -1.00
CA ARG A 134 10.98 15.81 0.05
C ARG A 134 12.10 15.22 0.95
N LEU A 135 13.20 14.78 0.34
CA LEU A 135 14.31 14.25 1.15
C LEU A 135 14.92 15.37 2.01
N THR A 136 15.03 16.57 1.44
CA THR A 136 15.54 17.71 2.19
C THR A 136 14.63 18.03 3.41
N GLN A 137 13.30 17.94 3.27
CA GLN A 137 12.43 18.11 4.44
C GLN A 137 12.62 17.04 5.54
N LEU A 138 12.92 15.81 5.11
CA LEU A 138 13.06 14.69 6.02
C LEU A 138 14.39 14.72 6.80
N ALA A 139 15.40 15.30 6.18
CA ALA A 139 16.77 15.24 6.67
C ALA A 139 16.97 15.54 8.17
N PRO A 140 16.28 16.56 8.73
CA PRO A 140 16.57 16.89 10.15
C PRO A 140 16.28 15.77 11.14
N ILE A 141 15.46 14.81 10.74
CA ILE A 141 15.12 13.65 11.53
C ILE A 141 16.37 12.87 11.94
N PHE A 142 17.37 12.87 11.07
CA PHE A 142 18.53 12.02 11.28
C PHE A 142 19.64 12.72 12.04
N VAL A 143 19.32 13.89 12.59
CA VAL A 143 20.22 14.50 13.56
C VAL A 143 20.22 13.68 14.85
N LYS A 144 19.04 13.32 15.32
CA LYS A 144 18.93 12.64 16.61
C LYS A 144 18.61 11.16 16.44
N ASN A 145 18.17 10.79 15.25
CA ASN A 145 17.79 9.41 15.03
C ASN A 145 18.85 8.66 14.24
N LYS A 146 19.29 7.54 14.81
CA LYS A 146 20.22 6.66 14.13
C LYS A 146 19.56 6.16 12.84
N TYR A 147 18.38 5.58 12.98
CA TYR A 147 17.62 5.11 11.83
C TYR A 147 16.26 5.78 11.85
N MET A 148 15.49 5.50 10.82
CA MET A 148 14.20 6.13 10.62
C MET A 148 13.31 6.08 11.88
N LEU A 149 13.24 4.92 12.53
CA LEU A 149 12.41 4.79 13.73
C LEU A 149 13.23 4.89 15.02
N GLY A 150 14.40 5.51 14.96
CA GLY A 150 15.25 5.63 16.14
C GLY A 150 16.40 4.64 16.14
N GLU A 151 16.59 3.93 17.25
CA GLU A 151 17.78 3.08 17.38
C GLU A 151 17.74 1.79 16.55
N GLU A 152 16.54 1.28 16.27
CA GLU A 152 16.41 0.01 15.56
C GLU A 152 16.18 0.20 14.05
N PHE A 153 16.95 -0.54 13.27
CA PHE A 153 16.78 -0.68 11.83
C PHE A 153 15.40 -1.25 11.57
N SER A 154 14.70 -0.75 10.58
CA SER A 154 13.36 -1.23 10.28
C SER A 154 13.08 -1.27 8.79
N MET A 155 11.87 -1.70 8.44
CA MET A 155 11.42 -1.72 7.06
C MET A 155 11.47 -0.34 6.41
N LEU A 156 11.37 0.72 7.22
CA LEU A 156 11.38 2.07 6.65
C LEU A 156 12.75 2.38 6.04
N ASP A 157 13.79 1.91 6.72
CA ASP A 157 15.14 2.10 6.22
C ASP A 157 15.31 1.29 4.97
N VAL A 158 14.75 0.07 4.99
CA VAL A 158 14.84 -0.81 3.83
C VAL A 158 14.24 -0.11 2.63
N ALA A 159 13.06 0.47 2.87
CA ALA A 159 12.25 1.00 1.78
C ALA A 159 12.94 2.16 1.08
N ILE A 160 13.62 2.98 1.86
CA ILE A 160 14.12 4.22 1.31
C ILE A 160 15.58 4.09 0.83
N ALA A 161 16.31 3.10 1.33
CA ALA A 161 17.74 3.01 1.02
C ALA A 161 18.10 2.93 -0.48
N PRO A 162 17.35 2.14 -1.27
CA PRO A 162 17.72 2.07 -2.70
C PRO A 162 17.66 3.44 -3.39
N LEU A 163 16.77 4.33 -2.93
CA LEU A 163 16.69 5.69 -3.46
C LEU A 163 17.92 6.52 -3.06
N LEU A 164 18.25 6.49 -1.78
CA LEU A 164 19.42 7.23 -1.28
C LEU A 164 20.67 6.75 -2.00
N TRP A 165 20.74 5.47 -2.26
CA TRP A 165 21.91 4.93 -2.95
C TRP A 165 22.06 5.55 -4.34
N ARG A 166 20.92 5.89 -4.96
CA ARG A 166 20.87 6.30 -6.36
C ARG A 166 20.83 7.81 -6.61
N LEU A 167 21.07 8.63 -5.59
CA LEU A 167 20.90 10.08 -5.76
C LEU A 167 21.84 10.62 -6.85
N ASP A 168 23.10 10.20 -6.84
CA ASP A 168 24.02 10.59 -7.90
C ASP A 168 23.57 10.02 -9.24
N HIS A 169 23.19 8.74 -9.21
CA HIS A 169 22.71 8.04 -10.39
C HIS A 169 21.53 8.75 -11.07
N TYR A 170 20.62 9.27 -10.26
CA TYR A 170 19.45 10.01 -10.71
C TYR A 170 19.74 11.48 -11.01
N GLY A 171 20.95 11.93 -10.70
CA GLY A 171 21.32 13.32 -10.87
C GLY A 171 20.57 14.23 -9.91
N ILE A 172 20.35 13.73 -8.70
CA ILE A 172 19.73 14.51 -7.64
C ILE A 172 20.84 15.05 -6.73
N GLU A 173 20.94 16.38 -6.67
CA GLU A 173 21.89 17.05 -5.79
C GLU A 173 21.16 17.61 -4.58
N LEU A 174 21.59 17.26 -3.38
CA LEU A 174 20.97 17.84 -2.19
C LEU A 174 21.82 19.00 -1.69
N SER A 175 21.19 20.00 -1.05
CA SER A 175 21.92 21.10 -0.43
C SER A 175 22.62 20.63 0.83
N LYS A 176 23.51 21.46 1.37
CA LYS A 176 24.33 21.08 2.53
C LYS A 176 23.49 20.71 3.74
N ASN A 177 22.32 21.33 3.91
CA ASN A 177 21.53 21.04 5.10
C ASN A 177 20.94 19.64 5.11
N ALA A 178 21.14 18.89 4.04
CA ALA A 178 20.66 17.49 3.99
C ALA A 178 21.73 16.53 4.54
N ALA A 179 22.84 17.07 5.04
CA ALA A 179 23.93 16.22 5.54
C ALA A 179 23.48 15.14 6.54
N PRO A 180 22.56 15.43 7.49
CA PRO A 180 22.21 14.33 8.40
C PRO A 180 21.59 13.14 7.67
N LEU A 181 20.90 13.41 6.57
CA LEU A 181 20.31 12.38 5.75
C LEU A 181 21.40 11.51 5.10
N MET A 182 22.49 12.14 4.72
CA MET A 182 23.59 11.43 4.06
C MET A 182 24.38 10.61 5.08
N LYS A 183 24.51 11.16 6.27
CA LYS A 183 25.12 10.41 7.37
C LYS A 183 24.30 9.15 7.62
N TYR A 184 22.99 9.34 7.65
CA TYR A 184 22.06 8.25 7.85
C TYR A 184 22.21 7.21 6.74
N ALA A 185 22.27 7.68 5.50
CA ALA A 185 22.37 6.77 4.37
C ALA A 185 23.64 5.91 4.52
N GLU A 186 24.76 6.53 4.91
CA GLU A 186 26.00 5.77 5.11
C GLU A 186 25.87 4.75 6.23
N ARG A 187 25.14 5.11 7.29
CA ARG A 187 24.84 4.17 8.38
CA ARG A 187 24.87 4.15 8.36
C ARG A 187 24.13 2.93 7.81
N ILE A 188 23.30 3.13 6.77
CA ILE A 188 22.64 1.97 6.14
C ILE A 188 23.62 1.18 5.27
N PHE A 189 24.34 1.93 4.44
CA PHE A 189 25.18 1.35 3.40
C PHE A 189 26.31 0.52 4.00
N SER A 190 26.72 0.86 5.20
CA SER A 190 27.80 0.15 5.84
C SER A 190 27.36 -1.19 6.44
N ARG A 191 26.06 -1.46 6.52
CA ARG A 191 25.61 -2.76 7.06
C ARG A 191 26.05 -3.87 6.10
N PRO A 192 26.67 -4.93 6.62
CA PRO A 192 27.16 -6.00 5.73
C PRO A 192 26.03 -6.59 4.91
N ALA A 193 24.81 -6.69 5.45
CA ALA A 193 23.68 -7.17 4.64
C ALA A 193 23.46 -6.27 3.44
N TYR A 194 23.61 -4.97 3.63
CA TYR A 194 23.39 -4.04 2.54
C TYR A 194 24.41 -4.27 1.43
N ILE A 195 25.67 -4.38 1.83
CA ILE A 195 26.78 -4.61 0.90
C ILE A 195 26.60 -5.95 0.16
N GLU A 196 26.19 -7.01 0.87
CA GLU A 196 25.98 -8.31 0.23
C GLU A 196 24.81 -8.27 -0.78
N ALA A 197 23.79 -7.45 -0.50
CA ALA A 197 22.58 -7.45 -1.34
C ALA A 197 22.72 -6.60 -2.62
N LEU A 198 23.76 -5.78 -2.67
CA LEU A 198 24.08 -5.00 -3.88
C LEU A 198 24.49 -5.88 -5.06
N THR A 199 23.96 -5.60 -6.25
CA THR A 199 24.44 -6.31 -7.44
C THR A 199 25.70 -5.61 -7.90
N PRO A 200 26.53 -6.32 -8.68
CA PRO A 200 27.71 -5.66 -9.25
C PRO A 200 27.37 -4.34 -9.96
N SER A 201 26.26 -4.30 -10.71
CA SER A 201 25.90 -3.07 -11.40
C SER A 201 25.51 -1.95 -10.43
N GLU A 202 24.88 -2.31 -9.31
CA GLU A 202 24.51 -1.30 -8.34
C GLU A 202 25.74 -0.73 -7.67
N LYS A 203 26.78 -1.55 -7.48
CA LYS A 203 28.02 -1.09 -6.83
C LYS A 203 28.67 0.04 -7.60
N VAL A 204 28.53 -0.01 -8.92
CA VAL A 204 29.09 0.99 -9.81
C VAL A 204 28.36 2.35 -9.71
N MET A 205 27.18 2.35 -9.10
CA MET A 205 26.34 3.55 -9.07
C MET A 205 26.84 4.72 -8.24
N ARG A 206 27.76 4.47 -7.32
CA ARG A 206 28.23 5.53 -6.45
C ARG A 206 29.74 5.67 -6.48
N ARG A 207 30.20 6.72 -7.17
CA ARG A 207 31.62 7.03 -7.29
C ARG A 207 32.21 7.39 -5.92
N GLY B 3 -7.60 -1.72 25.52
CA GLY B 3 -8.86 -1.01 25.72
C GLY B 3 -9.14 0.03 24.64
N SER B 4 -10.40 0.10 24.19
CA SER B 4 -10.77 0.95 23.06
C SER B 4 -11.05 2.41 23.40
N MET B 5 -10.44 3.32 22.64
CA MET B 5 -10.71 4.75 22.75
C MET B 5 -10.89 5.38 21.36
N MET B 6 -11.39 4.59 20.43
CA MET B 6 -11.38 4.97 19.03
C MET B 6 -12.36 6.07 18.66
N VAL B 7 -11.85 7.03 17.91
CA VAL B 7 -12.67 8.07 17.33
C VAL B 7 -12.42 8.12 15.83
N LEU B 8 -13.49 7.98 15.05
CA LEU B 8 -13.37 8.00 13.59
C LEU B 8 -13.95 9.29 13.01
N TYR B 9 -13.10 10.11 12.39
CA TYR B 9 -13.59 11.24 11.61
C TYR B 9 -14.04 10.70 10.25
N SER B 10 -15.35 10.83 9.99
CA SER B 10 -15.98 10.14 8.86
C SER B 10 -16.78 11.06 7.94
N GLY B 11 -16.60 10.89 6.64
CA GLY B 11 -17.45 11.57 5.69
C GLY B 11 -18.79 10.84 5.57
N THR B 12 -19.88 11.58 5.76
CA THR B 12 -21.21 10.97 5.78
C THR B 12 -21.57 10.21 4.49
N THR B 13 -21.03 10.64 3.33
CA THR B 13 -21.25 9.92 2.08
C THR B 13 -19.94 9.43 1.47
N CYS B 14 -18.89 9.44 2.28
CA CYS B 14 -17.56 9.04 1.83
C CYS B 14 -17.42 7.52 1.80
N PRO B 15 -17.12 6.94 0.61
CA PRO B 15 -17.01 5.49 0.56
C PRO B 15 -15.83 4.96 1.36
N PHE B 16 -14.75 5.74 1.43
CA PHE B 16 -13.59 5.29 2.19
C PHE B 16 -13.93 5.26 3.67
N SER B 17 -14.70 6.26 4.13
CA SER B 17 -15.13 6.27 5.52
C SER B 17 -16.05 5.10 5.80
N GLN B 18 -16.88 4.72 4.83
CA GLN B 18 -17.82 3.62 5.02
C GLN B 18 -17.06 2.32 5.28
N ARG B 19 -15.90 2.15 4.66
CA ARG B 19 -15.07 0.97 4.97
C ARG B 19 -14.80 0.87 6.47
N CYS B 20 -14.33 1.98 7.04
CA CYS B 20 -13.95 2.04 8.44
C CYS B 20 -15.15 1.90 9.35
N ARG B 21 -16.23 2.57 8.98
CA ARG B 21 -17.48 2.46 9.70
C ARG B 21 -17.93 0.99 9.70
N LEU B 22 -17.77 0.33 8.56
CA LEU B 22 -18.21 -1.05 8.45
C LEU B 22 -17.38 -1.91 9.39
N VAL B 23 -16.08 -1.71 9.34
CA VAL B 23 -15.17 -2.46 10.19
C VAL B 23 -15.44 -2.26 11.68
N LEU B 24 -15.66 -1.03 12.11
CA LEU B 24 -15.91 -0.75 13.54
C LEU B 24 -17.19 -1.45 14.03
N PHE B 25 -18.21 -1.48 13.17
CA PHE B 25 -19.46 -2.11 13.58
C PHE B 25 -19.33 -3.64 13.54
N GLU B 26 -18.51 -4.16 12.62
CA GLU B 26 -18.25 -5.59 12.58
C GLU B 26 -17.59 -6.05 13.88
N LYS B 27 -16.74 -5.21 14.47
CA LYS B 27 -15.96 -5.62 15.63
C LYS B 27 -16.73 -5.41 16.94
N GLY B 28 -17.81 -4.64 16.86
CA GLY B 28 -18.71 -4.47 17.98
C GLY B 28 -18.11 -3.87 19.24
N MET B 29 -16.97 -3.19 19.09
CA MET B 29 -16.35 -2.54 20.24
C MET B 29 -16.90 -1.12 20.40
N ASP B 30 -16.54 -0.46 21.49
CA ASP B 30 -16.89 0.94 21.66
C ASP B 30 -16.07 1.85 20.77
N PHE B 31 -16.73 2.83 20.18
CA PHE B 31 -16.08 3.82 19.33
C PHE B 31 -17.02 5.01 19.14
N GLU B 32 -16.48 6.12 18.69
CA GLU B 32 -17.27 7.31 18.39
C GLU B 32 -17.05 7.73 16.94
N ILE B 33 -18.12 8.08 16.23
CA ILE B 33 -18.01 8.62 14.87
C ILE B 33 -18.25 10.13 14.87
N ARG B 34 -17.30 10.88 14.30
CA ARG B 34 -17.49 12.32 14.14
C ARG B 34 -17.70 12.65 12.67
N ASP B 35 -18.89 13.14 12.33
CA ASP B 35 -19.24 13.48 10.96
C ASP B 35 -18.45 14.71 10.52
N VAL B 36 -17.86 14.66 9.33
CA VAL B 36 -17.07 15.79 8.83
C VAL B 36 -17.77 16.43 7.63
N ASP B 37 -17.97 17.73 7.70
CA ASP B 37 -18.62 18.47 6.63
C ASP B 37 -17.61 19.15 5.71
N LEU B 38 -17.39 18.57 4.54
CA LEU B 38 -16.44 19.13 3.58
C LEU B 38 -17.02 20.32 2.81
N LYS B 41 -15.15 21.40 6.55
CA LYS B 41 -14.16 20.65 7.31
C LYS B 41 -13.43 21.55 8.30
N PRO B 42 -13.43 21.17 9.59
CA PRO B 42 -12.73 21.93 10.64
C PRO B 42 -11.22 21.95 10.40
N GLU B 43 -10.52 22.95 10.94
CA GLU B 43 -9.08 23.13 10.68
C GLU B 43 -8.25 21.92 11.13
N ASP B 44 -8.67 21.29 12.22
CA ASP B 44 -7.87 20.21 12.80
C ASP B 44 -7.79 19.00 11.86
N ILE B 45 -8.70 18.93 10.89
CA ILE B 45 -8.68 17.84 9.91
C ILE B 45 -7.38 17.79 9.08
N SER B 46 -6.91 18.93 8.61
CA SER B 46 -5.63 19.01 7.90
C SER B 46 -4.44 18.98 8.86
N VAL B 47 -4.70 19.26 10.14
CA VAL B 47 -3.69 19.09 11.18
C VAL B 47 -3.43 17.59 11.44
N MET B 48 -4.51 16.83 11.62
CA MET B 48 -4.42 15.39 11.86
C MET B 48 -3.94 14.61 10.62
N ASN B 49 -4.46 14.97 9.45
CA ASN B 49 -4.11 14.33 8.18
C ASN B 49 -3.71 15.42 7.17
N PRO B 50 -2.40 15.52 6.85
CA PRO B 50 -1.89 16.58 5.97
C PRO B 50 -2.49 16.52 4.56
N TYR B 51 -3.06 15.37 4.18
CA TYR B 51 -3.77 15.24 2.90
C TYR B 51 -5.20 15.78 2.96
N GLY B 52 -5.62 16.21 4.15
CA GLY B 52 -6.92 16.82 4.37
C GLY B 52 -8.12 15.92 4.09
N GLN B 53 -7.96 14.63 4.28
CA GLN B 53 -9.04 13.72 3.96
C GLN B 53 -9.56 12.90 5.14
N VAL B 54 -10.80 12.47 5.00
CA VAL B 54 -11.37 11.48 5.89
C VAL B 54 -11.36 10.17 5.11
N PRO B 55 -11.39 9.03 5.80
CA PRO B 55 -11.46 8.87 7.26
C PRO B 55 -10.15 9.16 7.93
N ILE B 56 -10.24 9.55 9.19
CA ILE B 56 -9.09 9.66 10.10
C ILE B 56 -9.46 8.92 11.37
N LEU B 57 -8.55 8.07 11.85
CA LEU B 57 -8.78 7.41 13.13
C LEU B 57 -7.87 7.97 14.22
N VAL B 58 -8.46 8.26 15.38
CA VAL B 58 -7.69 8.71 16.53
C VAL B 58 -7.95 7.80 17.73
N GLU B 59 -6.88 7.25 18.29
CA GLU B 59 -6.94 6.49 19.54
C GLU B 59 -5.74 6.85 20.39
N ARG B 60 -6.00 7.56 21.49
CA ARG B 60 -4.98 8.21 22.31
C ARG B 60 -3.98 9.03 21.48
N ASP B 61 -2.71 8.64 21.47
CA ASP B 61 -1.69 9.44 20.78
C ASP B 61 -1.55 9.09 19.30
N LEU B 62 -2.26 8.06 18.88
CA LEU B 62 -2.20 7.60 17.50
C LEU B 62 -3.16 8.36 16.60
N ILE B 63 -2.64 8.85 15.48
CA ILE B 63 -3.48 9.40 14.44
C ILE B 63 -3.23 8.65 13.14
N LEU B 64 -4.27 8.00 12.62
CA LEU B 64 -4.16 7.28 11.37
C LEU B 64 -5.07 7.84 10.30
N TYR B 65 -4.59 7.85 9.06
CA TYR B 65 -5.45 8.04 7.90
C TYR B 65 -5.17 6.95 6.87
N GLU B 66 -5.90 7.03 5.75
CA GLU B 66 -6.00 5.98 4.73
CA GLU B 66 -6.00 5.99 4.72
C GLU B 66 -6.80 4.80 5.30
N SER B 67 -7.96 4.54 4.70
CA SER B 67 -8.92 3.56 5.19
C SER B 67 -8.35 2.18 5.44
N ASN B 68 -7.53 1.67 4.52
CA ASN B 68 -6.96 0.33 4.69
C ASN B 68 -5.95 0.25 5.84
N ILE B 69 -5.20 1.33 6.05
CA ILE B 69 -4.33 1.42 7.20
C ILE B 69 -5.13 1.41 8.50
N ILE B 70 -6.12 2.30 8.55
CA ILE B 70 -7.04 2.36 9.67
C ILE B 70 -7.66 0.99 9.96
N ASN B 71 -8.17 0.33 8.93
CA ASN B 71 -8.86 -0.94 9.11
C ASN B 71 -7.95 -2.07 9.54
N GLU B 72 -6.71 -2.10 9.02
CA GLU B 72 -5.74 -3.10 9.44
C GLU B 72 -5.40 -2.94 10.92
N TYR B 73 -5.28 -1.68 11.34
CA TYR B 73 -5.02 -1.38 12.74
C TYR B 73 -6.16 -1.90 13.61
N ILE B 74 -7.39 -1.60 13.21
CA ILE B 74 -8.55 -2.02 13.98
C ILE B 74 -8.62 -3.55 14.03
N ASP B 75 -8.36 -4.19 12.89
CA ASP B 75 -8.41 -5.64 12.81
C ASP B 75 -7.40 -6.28 13.76
N GLU B 76 -6.27 -5.61 13.99
CA GLU B 76 -5.24 -6.12 14.90
C GLU B 76 -5.57 -5.81 16.35
N ARG B 77 -6.14 -4.64 16.61
CA ARG B 77 -6.55 -4.29 17.97
C ARG B 77 -7.67 -5.20 18.48
N PHE B 78 -8.60 -5.54 17.59
CA PHE B 78 -9.77 -6.34 17.94
C PHE B 78 -9.95 -7.45 16.91
N PRO B 79 -9.30 -8.59 17.14
CA PRO B 79 -9.18 -9.60 16.07
C PRO B 79 -10.42 -10.48 15.85
N HIS B 80 -11.56 -10.11 16.42
CA HIS B 80 -12.76 -10.92 16.28
C HIS B 80 -13.94 -10.07 15.84
N PRO B 81 -14.50 -10.37 14.64
CA PRO B 81 -13.99 -11.42 13.76
C PRO B 81 -12.72 -11.03 13.02
N GLN B 82 -12.02 -12.03 12.53
CA GLN B 82 -10.76 -11.84 11.84
C GLN B 82 -10.98 -11.37 10.39
N LEU B 83 -10.55 -10.15 10.05
CA LEU B 83 -10.80 -9.64 8.70
C LEU B 83 -9.63 -9.85 7.74
N MET B 84 -8.41 -9.89 8.27
CA MET B 84 -7.23 -10.28 7.51
C MET B 84 -6.90 -11.71 7.91
N PRO B 85 -6.81 -12.63 6.92
CA PRO B 85 -6.48 -14.04 7.19
C PRO B 85 -5.31 -14.18 8.16
N ALA B 86 -5.37 -15.18 9.03
CA ALA B 86 -4.33 -15.39 10.04
C ALA B 86 -3.07 -15.94 9.39
N ASP B 87 -3.28 -16.89 8.48
CA ASP B 87 -2.20 -17.50 7.72
C ASP B 87 -1.39 -16.46 6.95
N PRO B 88 -0.05 -16.49 7.09
CA PRO B 88 0.79 -15.46 6.45
C PRO B 88 0.69 -15.44 4.90
N VAL B 89 0.59 -16.62 4.30
CA VAL B 89 0.48 -16.75 2.85
C VAL B 89 -0.82 -16.13 2.37
N GLN B 90 -1.90 -16.47 3.05
CA GLN B 90 -3.22 -15.94 2.72
C GLN B 90 -3.28 -14.46 2.99
N ARG B 91 -2.68 -14.02 4.09
CA ARG B 91 -2.67 -12.60 4.41
C ARG B 91 -1.93 -11.81 3.31
N ALA B 92 -0.82 -12.36 2.83
CA ALA B 92 -0.09 -11.69 1.76
C ALA B 92 -0.92 -11.61 0.49
N ARG B 93 -1.51 -12.73 0.08
CA ARG B 93 -2.38 -12.70 -1.09
C ARG B 93 -3.46 -11.63 -0.94
N ALA B 94 -4.07 -11.56 0.24
CA ALA B 94 -5.17 -10.63 0.46
C ALA B 94 -4.68 -9.18 0.41
N ARG B 95 -3.50 -8.93 0.98
CA ARG B 95 -2.92 -7.59 0.96
C ARG B 95 -2.66 -7.12 -0.47
N LEU B 96 -2.21 -8.04 -1.31
CA LEU B 96 -1.95 -7.77 -2.70
C LEU B 96 -3.26 -7.48 -3.45
N PHE B 97 -4.32 -8.21 -3.14
CA PHE B 97 -5.65 -7.94 -3.71
C PHE B 97 -6.14 -6.55 -3.29
N LEU B 98 -5.96 -6.22 -2.01
CA LEU B 98 -6.37 -4.93 -1.51
C LEU B 98 -5.68 -3.80 -2.26
N LEU B 99 -4.39 -3.99 -2.44
CA LEU B 99 -3.57 -3.02 -3.12
C LEU B 99 -4.06 -2.84 -4.56
N ASN B 100 -4.33 -3.96 -5.23
CA ASN B 100 -4.83 -3.92 -6.59
C ASN B 100 -6.22 -3.29 -6.68
N PHE B 101 -7.08 -3.49 -5.67
CA PHE B 101 -8.34 -2.76 -5.64
C PHE B 101 -8.11 -1.27 -5.67
N GLU B 102 -7.11 -0.80 -4.92
CA GLU B 102 -6.83 0.64 -4.82
C GLU B 102 -6.39 1.18 -6.16
N LYS B 103 -5.53 0.42 -6.83
CA LYS B 103 -5.02 0.78 -8.15
C LYS B 103 -6.09 0.63 -9.25
N GLU B 104 -6.85 -0.45 -9.23
CA GLU B 104 -7.72 -0.79 -10.36
C GLU B 104 -9.15 -0.24 -10.26
N LEU B 105 -9.61 0.03 -9.05
CA LEU B 105 -10.99 0.45 -8.82
C LEU B 105 -11.07 1.81 -8.12
N PHE B 106 -10.38 1.94 -6.99
CA PHE B 106 -10.68 3.08 -6.13
C PHE B 106 -9.96 4.37 -6.49
N VAL B 107 -8.95 4.30 -7.34
CA VAL B 107 -8.42 5.53 -7.93
C VAL B 107 -9.55 6.15 -8.77
N HIS B 108 -10.37 5.31 -9.37
CA HIS B 108 -11.49 5.80 -10.19
C HIS B 108 -12.62 6.28 -9.29
N VAL B 109 -12.82 5.63 -8.15
CA VAL B 109 -13.76 6.12 -7.14
C VAL B 109 -13.34 7.50 -6.65
N SER B 110 -12.04 7.70 -6.42
CA SER B 110 -11.52 9.00 -6.01
C SER B 110 -11.81 10.07 -7.05
N THR B 111 -11.68 9.72 -8.33
CA THR B 111 -11.98 10.66 -9.39
C THR B 111 -13.44 11.06 -9.29
N LEU B 112 -14.30 10.05 -9.16
CA LEU B 112 -15.74 10.27 -9.07
C LEU B 112 -16.12 11.10 -7.84
N GLU B 113 -15.36 10.92 -6.76
CA GLU B 113 -15.68 11.59 -5.50
C GLU B 113 -15.06 12.97 -5.38
N ASN B 114 -13.85 13.14 -5.91
CA ASN B 114 -13.06 14.32 -5.58
C ASN B 114 -13.07 15.42 -6.65
N GLU B 115 -13.15 15.05 -7.93
CA GLU B 115 -13.15 16.06 -8.99
C GLU B 115 -14.53 16.68 -9.24
N GLU B 121 -14.45 16.30 -15.75
CA GLU B 121 -15.79 15.84 -16.09
C GLU B 121 -15.78 14.75 -17.16
N LYS B 122 -14.81 14.84 -18.08
CA LYS B 122 -14.59 13.80 -19.07
C LYS B 122 -13.95 12.62 -18.35
N ASN B 123 -13.19 12.96 -17.30
CA ASN B 123 -12.49 11.98 -16.50
C ASN B 123 -13.46 11.07 -15.76
N HIS B 124 -14.63 11.60 -15.45
CA HIS B 124 -15.68 10.84 -14.79
C HIS B 124 -16.15 9.71 -15.71
N GLU B 125 -16.30 10.01 -17.00
CA GLU B 125 -16.75 8.99 -17.95
C GLU B 125 -15.69 7.89 -18.09
N LYS B 126 -14.42 8.28 -18.19
CA LYS B 126 -13.32 7.32 -18.25
C LYS B 126 -13.27 6.46 -17.00
N ALA B 127 -13.56 7.09 -15.85
CA ALA B 127 -13.58 6.40 -14.57
C ALA B 127 -14.69 5.33 -14.51
N ARG B 128 -15.88 5.69 -14.97
CA ARG B 128 -17.00 4.76 -14.96
C ARG B 128 -16.67 3.55 -15.84
N LEU B 129 -16.15 3.80 -17.04
CA LEU B 129 -15.86 2.72 -17.96
C LEU B 129 -14.79 1.79 -17.38
N ALA B 130 -13.77 2.37 -16.74
CA ALA B 130 -12.72 1.56 -16.11
C ALA B 130 -13.28 0.66 -15.01
N ILE B 131 -14.18 1.21 -14.20
CA ILE B 131 -14.83 0.47 -13.13
C ILE B 131 -15.70 -0.66 -13.68
N ARG B 132 -16.50 -0.38 -14.70
CA ARG B 132 -17.31 -1.42 -15.35
C ARG B 132 -16.41 -2.55 -15.85
N ASP B 133 -15.39 -2.18 -16.61
CA ASP B 133 -14.50 -3.17 -17.23
C ASP B 133 -13.82 -4.05 -16.18
N ARG B 134 -13.38 -3.44 -15.09
CA ARG B 134 -12.69 -4.16 -14.03
C ARG B 134 -13.64 -5.10 -13.28
N LEU B 135 -14.84 -4.61 -12.98
CA LEU B 135 -15.86 -5.44 -12.34
C LEU B 135 -16.24 -6.62 -13.25
N THR B 136 -16.24 -6.39 -14.56
CA THR B 136 -16.52 -7.47 -15.51
C THR B 136 -15.52 -8.59 -15.35
N GLN B 137 -14.26 -8.24 -15.18
CA GLN B 137 -13.22 -9.22 -14.90
C GLN B 137 -13.40 -9.92 -13.53
N LEU B 138 -13.94 -9.21 -12.56
CA LEU B 138 -14.08 -9.77 -11.20
C LEU B 138 -15.29 -10.69 -11.05
N ALA B 139 -16.37 -10.38 -11.77
CA ALA B 139 -17.66 -11.04 -11.61
C ALA B 139 -17.61 -12.58 -11.56
N PRO B 140 -16.83 -13.24 -12.44
CA PRO B 140 -16.85 -14.71 -12.41
C PRO B 140 -16.38 -15.35 -11.09
N ILE B 141 -15.70 -14.59 -10.23
CA ILE B 141 -15.26 -15.09 -8.94
C ILE B 141 -16.44 -15.61 -8.12
N PHE B 142 -17.57 -14.95 -8.27
CA PHE B 142 -18.69 -15.17 -7.38
C PHE B 142 -19.66 -16.16 -7.93
N VAL B 143 -19.25 -16.84 -8.98
CA VAL B 143 -20.02 -17.96 -9.46
C VAL B 143 -19.94 -19.02 -8.37
N LYS B 144 -18.74 -19.25 -7.86
CA LYS B 144 -18.54 -20.28 -6.86
C LYS B 144 -18.24 -19.75 -5.44
N ASN B 145 -17.86 -18.48 -5.30
CA ASN B 145 -17.53 -17.96 -3.97
C ASN B 145 -18.57 -17.09 -3.27
N LYS B 146 -18.88 -17.46 -2.03
CA LYS B 146 -19.77 -16.64 -1.19
C LYS B 146 -19.20 -15.23 -1.01
N TYR B 147 -17.96 -15.17 -0.52
CA TYR B 147 -17.29 -13.88 -0.37
C TYR B 147 -16.00 -13.92 -1.18
N MET B 148 -15.31 -12.78 -1.24
CA MET B 148 -14.14 -12.63 -2.09
C MET B 148 -13.12 -13.77 -1.90
N LEU B 149 -12.84 -14.12 -0.65
CA LEU B 149 -11.86 -15.16 -0.34
C LEU B 149 -12.51 -16.51 -0.12
N GLY B 150 -13.72 -16.68 -0.63
CA GLY B 150 -14.44 -17.92 -0.42
C GLY B 150 -15.48 -17.79 0.67
N GLU B 151 -15.46 -18.72 1.63
CA GLU B 151 -16.52 -18.82 2.63
C GLU B 151 -16.47 -17.74 3.71
N GLU B 152 -15.28 -17.21 3.99
CA GLU B 152 -15.13 -16.23 5.07
C GLU B 152 -15.17 -14.77 4.61
N PHE B 153 -15.99 -13.97 5.29
CA PHE B 153 -16.02 -12.52 5.11
C PHE B 153 -14.64 -11.95 5.44
N SER B 154 -14.16 -11.02 4.63
CA SER B 154 -12.83 -10.49 4.87
C SER B 154 -12.74 -9.01 4.53
N MET B 155 -11.54 -8.46 4.72
CA MET B 155 -11.27 -7.07 4.40
C MET B 155 -11.50 -6.79 2.92
N LEU B 156 -11.41 -7.82 2.08
CA LEU B 156 -11.63 -7.61 0.65
C LEU B 156 -13.08 -7.20 0.40
N ASP B 157 -14.01 -7.84 1.10
CA ASP B 157 -15.42 -7.52 0.95
C ASP B 157 -15.67 -6.14 1.54
N VAL B 158 -15.07 -5.89 2.70
CA VAL B 158 -15.17 -4.59 3.33
C VAL B 158 -14.76 -3.49 2.37
N ALA B 159 -13.62 -3.70 1.72
CA ALA B 159 -13.02 -2.65 0.91
C ALA B 159 -13.84 -2.29 -0.32
N ILE B 160 -14.46 -3.29 -0.96
CA ILE B 160 -15.11 -3.08 -2.25
C ILE B 160 -16.59 -2.72 -2.08
N ALA B 161 -17.15 -3.05 -0.93
CA ALA B 161 -18.58 -2.89 -0.71
C ALA B 161 -19.07 -1.45 -0.90
N PRO B 162 -18.30 -0.45 -0.43
CA PRO B 162 -18.85 0.89 -0.70
C PRO B 162 -18.96 1.20 -2.21
N LEU B 163 -18.07 0.67 -3.03
CA LEU B 163 -18.17 0.89 -4.46
C LEU B 163 -19.39 0.17 -5.04
N LEU B 164 -19.54 -1.11 -4.70
CA LEU B 164 -20.68 -1.86 -5.16
C LEU B 164 -21.98 -1.20 -4.71
N TRP B 165 -21.97 -0.62 -3.52
CA TRP B 165 -23.14 0.09 -3.02
C TRP B 165 -23.53 1.27 -3.90
N ARG B 166 -22.51 1.92 -4.45
CA ARG B 166 -22.68 3.19 -5.14
C ARG B 166 -22.79 3.08 -6.66
N LEU B 167 -22.93 1.86 -7.18
CA LEU B 167 -22.86 1.68 -8.64
C LEU B 167 -23.91 2.52 -9.36
N ASP B 168 -25.15 2.48 -8.88
CA ASP B 168 -26.18 3.33 -9.47
C ASP B 168 -25.92 4.81 -9.19
N HIS B 169 -25.56 5.14 -7.95
CA HIS B 169 -25.26 6.51 -7.57
C HIS B 169 -24.21 7.11 -8.51
N TYR B 170 -23.23 6.29 -8.88
CA TYR B 170 -22.16 6.69 -9.81
C TYR B 170 -22.53 6.59 -11.30
N GLY B 171 -23.70 6.04 -11.63
CA GLY B 171 -24.09 5.89 -13.02
C GLY B 171 -23.25 4.86 -13.78
N ILE B 172 -22.96 3.76 -13.11
CA ILE B 172 -22.18 2.67 -13.69
C ILE B 172 -23.08 1.61 -14.32
N GLU B 173 -22.88 1.33 -15.60
CA GLU B 173 -23.62 0.25 -16.26
C GLU B 173 -22.73 -0.98 -16.34
N LEU B 174 -23.22 -2.09 -15.79
CA LEU B 174 -22.45 -3.33 -15.80
C LEU B 174 -22.79 -4.23 -16.98
N SER B 175 -21.80 -5.05 -17.38
CA SER B 175 -21.97 -6.02 -18.47
C SER B 175 -22.87 -7.18 -18.07
N LYS B 176 -23.24 -8.00 -19.05
CA LYS B 176 -24.19 -9.09 -18.85
C LYS B 176 -23.69 -10.11 -17.83
N ASN B 177 -22.37 -10.33 -17.79
CA ASN B 177 -21.80 -11.33 -16.89
C ASN B 177 -21.75 -10.87 -15.45
N ALA B 178 -22.30 -9.69 -15.14
CA ALA B 178 -22.10 -9.15 -13.78
C ALA B 178 -23.13 -9.60 -12.72
N ALA B 179 -24.10 -10.42 -13.12
CA ALA B 179 -25.14 -10.89 -12.20
C ALA B 179 -24.63 -11.58 -10.91
N PRO B 180 -23.66 -12.50 -11.00
CA PRO B 180 -23.20 -13.12 -9.75
C PRO B 180 -22.55 -12.09 -8.81
N LEU B 181 -22.03 -11.01 -9.37
CA LEU B 181 -21.44 -9.92 -8.56
C LEU B 181 -22.51 -9.20 -7.73
N MET B 182 -23.70 -9.01 -8.29
CA MET B 182 -24.74 -8.32 -7.55
C MET B 182 -25.31 -9.19 -6.45
N LYS B 183 -25.41 -10.48 -6.70
CA LYS B 183 -25.80 -11.43 -5.67
C LYS B 183 -24.78 -11.37 -4.52
N TYR B 184 -23.50 -11.34 -4.89
CA TYR B 184 -22.41 -11.20 -3.93
C TYR B 184 -22.58 -9.91 -3.14
N ALA B 185 -22.87 -8.82 -3.86
CA ALA B 185 -23.05 -7.52 -3.23
C ALA B 185 -24.18 -7.57 -2.20
N GLU B 186 -25.30 -8.19 -2.57
CA GLU B 186 -26.44 -8.27 -1.66
C GLU B 186 -26.07 -9.02 -0.40
N ARG B 187 -25.24 -10.05 -0.54
CA ARG B 187 -24.78 -10.81 0.62
C ARG B 187 -24.01 -9.95 1.61
N ILE B 188 -23.27 -8.98 1.11
CA ILE B 188 -22.58 -8.04 1.97
C ILE B 188 -23.57 -7.08 2.61
N PHE B 189 -24.45 -6.52 1.79
CA PHE B 189 -25.37 -5.47 2.27
C PHE B 189 -26.29 -5.99 3.37
N SER B 190 -26.55 -7.30 3.35
CA SER B 190 -27.46 -7.94 4.29
C SER B 190 -26.86 -8.12 5.68
N ARG B 191 -25.55 -7.97 5.78
CA ARG B 191 -24.86 -8.13 7.07
C ARG B 191 -25.34 -7.07 8.06
N PRO B 192 -25.59 -7.48 9.30
CA PRO B 192 -26.09 -6.57 10.33
C PRO B 192 -25.16 -5.38 10.57
N ALA B 193 -23.85 -5.62 10.53
CA ALA B 193 -22.89 -4.54 10.67
C ALA B 193 -23.02 -3.54 9.54
N TYR B 194 -23.27 -4.06 8.33
CA TYR B 194 -23.36 -3.19 7.16
C TYR B 194 -24.55 -2.26 7.32
N ILE B 195 -25.69 -2.83 7.70
CA ILE B 195 -26.90 -2.08 7.89
C ILE B 195 -26.69 -1.00 8.94
N GLU B 196 -26.04 -1.40 10.03
CA GLU B 196 -25.79 -0.49 11.15
C GLU B 196 -24.83 0.64 10.77
N ALA B 197 -23.86 0.35 9.92
CA ALA B 197 -22.82 1.32 9.56
C ALA B 197 -23.24 2.29 8.46
N LEU B 198 -24.32 1.96 7.77
CA LEU B 198 -24.85 2.80 6.70
C LEU B 198 -25.33 4.14 7.27
N THR B 199 -25.00 5.26 6.62
CA THR B 199 -25.50 6.57 7.04
C THR B 199 -26.89 6.84 6.45
N PRO B 200 -27.67 7.74 7.07
CA PRO B 200 -28.97 8.11 6.47
C PRO B 200 -28.78 8.54 5.01
N SER B 201 -27.72 9.30 4.78
CA SER B 201 -27.39 9.82 3.46
C SER B 201 -27.04 8.70 2.47
N GLU B 202 -26.37 7.67 2.97
CA GLU B 202 -26.00 6.55 2.12
C GLU B 202 -27.19 5.66 1.79
N LYS B 203 -28.12 5.54 2.75
CA LYS B 203 -29.27 4.66 2.58
C LYS B 203 -30.13 5.06 1.39
N VAL B 204 -30.17 6.37 1.11
CA VAL B 204 -30.96 6.91 0.01
C VAL B 204 -30.34 6.58 -1.36
N MET B 205 -29.08 6.17 -1.37
CA MET B 205 -28.39 5.95 -2.64
C MET B 205 -28.91 4.74 -3.40
N ARG B 206 -29.58 3.84 -2.69
CA ARG B 206 -30.13 2.63 -3.29
C ARG B 206 -31.59 2.45 -2.90
N1 GSH C . 5.42 -0.73 -6.86
CA1 GSH C . 6.29 -1.72 -7.44
C1 GSH C . 7.12 -2.35 -6.36
O11 GSH C . 7.29 -1.76 -5.25
O12 GSH C . 7.60 -3.50 -6.52
CB1 GSH C . 7.12 -1.08 -8.57
CG1 GSH C . 8.08 -2.12 -9.23
CD1 GSH C . 8.66 -1.54 -10.52
OE1 GSH C . 8.27 -0.49 -10.96
N2 GSH C . 9.71 -2.27 -11.21
CA2 GSH C . 10.29 -1.77 -12.46
C2 GSH C . 9.88 -2.72 -13.57
O2 GSH C . 9.87 -3.92 -13.37
CB2 GSH C . 11.76 -1.79 -12.40
SG2 GSH C . 12.32 -0.40 -11.43
N3 GSH C . 9.50 -2.22 -14.88
CA3 GSH C . 9.12 -3.21 -15.87
C3 GSH C . 9.29 -2.70 -17.29
O31 GSH C . 8.68 -1.66 -17.66
O32 GSH C . 10.00 -3.34 -18.09
C1 GLO D . 10.19 11.02 13.17
C2 GLO D . 9.32 9.92 12.61
C3 GLO D . 8.65 10.31 11.29
C4 GLO D . 9.18 9.41 10.14
C5 GLO D . 8.60 9.72 8.75
C6 GLO D . 9.02 11.01 8.09
O1 GLO D . 9.84 11.62 14.16
O2 GLO D . 10.08 8.75 12.41
O3 GLO D . 8.67 11.70 11.05
O4 GLO D . 10.59 9.36 10.10
O5 GLO D . 8.89 8.65 7.88
O6 GLO D . 7.84 11.71 7.71
N1 GSH E . -6.71 6.99 0.12
CA1 GSH E . -7.62 7.49 1.10
C1 GSH E . -8.25 6.32 1.78
O11 GSH E . -8.78 6.41 2.91
O12 GSH E . -8.22 5.18 1.20
CB1 GSH E . -8.62 8.40 0.36
CG1 GSH E . -9.70 8.98 1.32
CD1 GSH E . -10.46 10.09 0.57
OE1 GSH E . -10.13 10.40 -0.56
N2 GSH E . -11.58 10.76 1.21
CA2 GSH E . -12.31 11.83 0.53
C2 GSH E . -11.89 13.17 1.15
O2 GSH E . -11.89 13.29 2.36
CB2 GSH E . -13.79 11.68 0.72
SG2 GSH E . -14.46 10.45 -0.40
N3 GSH E . -11.48 14.28 0.30
C1 GLO F . -21.33 7.53 16.58
C2 GLO F . -21.65 6.96 17.96
C3 GLO F . -21.89 5.45 17.85
C4 GLO F . -21.72 4.69 19.17
C5 GLO F . -21.24 3.28 18.88
C6 GLO F . -20.68 2.59 20.12
O1 GLO F . -22.20 7.62 15.74
O2 GLO F . -20.60 7.31 18.83
O3 GLO F . -21.04 4.90 16.88
O4 GLO F . -20.85 5.36 20.06
O5 GLO F . -22.30 2.51 18.38
O6 GLO F . -21.06 1.22 20.10
#